data_2OPZ
#
_entry.id   2OPZ
#
_cell.length_a   170.367
_cell.length_b   170.367
_cell.length_c   170.367
_cell.angle_alpha   90.00
_cell.angle_beta   90.00
_cell.angle_gamma   90.00
#
_symmetry.space_group_name_H-M   'I 21 3'
#
loop_
_entity.id
_entity.type
_entity.pdbx_description
1 polymer 'Baculoviral IAP repeat-containing protein 4'
2 polymer 'AVPF (Smac homologue, N-terminal tetrapeptide)'
3 non-polymer 'ZINC ION'
#
loop_
_entity_poly.entity_id
_entity_poly.type
_entity_poly.pdbx_seq_one_letter_code
_entity_poly.pdbx_strand_id
1 'polypeptide(L)'
;NFPNSTNLPRNPSMADYEARIFTFGTWIYSVNKEQLARAGFYALGEGDKVKCFHCGGGLTDWKPSEDPWEQHAKWYPGCK
YLLEQKGQEYINNIHLTHSLEECLVRTTE
;
A,B,C,D
2 'polypeptide(L)' AVPF E,F,G,H
#
loop_
_chem_comp.id
_chem_comp.type
_chem_comp.name
_chem_comp.formula
ZN non-polymer 'ZINC ION' 'Zn 2'
#
# COMPACT_ATOMS: atom_id res chain seq x y z
N ASN A 1 9.51 13.10 -14.23
CA ASN A 1 10.47 13.95 -14.96
C ASN A 1 9.79 15.11 -15.72
N PHE A 2 10.54 16.20 -15.79
CA PHE A 2 10.15 17.44 -16.46
C PHE A 2 10.43 17.32 -17.99
N PRO A 3 9.63 18.02 -18.81
CA PRO A 3 9.66 18.07 -20.28
C PRO A 3 10.85 18.57 -21.06
N ASN A 4 10.46 18.92 -22.29
CA ASN A 4 11.32 19.51 -23.29
C ASN A 4 11.21 20.83 -22.51
N SER A 5 10.98 21.97 -23.17
CA SER A 5 10.88 23.22 -22.40
C SER A 5 11.40 23.04 -20.97
N THR A 6 10.55 23.41 -20.03
CA THR A 6 10.85 23.34 -18.61
C THR A 6 12.27 23.05 -18.09
N ASN A 7 12.69 21.78 -18.00
CA ASN A 7 14.03 21.41 -17.49
C ASN A 7 15.11 22.33 -17.99
N LEU A 8 15.02 22.60 -19.28
CA LEU A 8 16.00 23.39 -20.01
C LEU A 8 15.84 24.90 -20.20
N PRO A 9 16.82 25.67 -19.69
CA PRO A 9 16.89 27.13 -19.76
C PRO A 9 16.76 27.63 -21.19
N ARG A 10 16.33 28.87 -21.34
CA ARG A 10 16.16 29.44 -22.66
C ARG A 10 17.43 30.15 -23.05
N ASN A 11 18.33 30.29 -22.08
CA ASN A 11 19.59 30.98 -22.31
C ASN A 11 20.63 30.40 -21.39
N PRO A 12 21.01 29.15 -21.66
CA PRO A 12 22.01 28.48 -20.84
C PRO A 12 23.21 29.35 -20.49
N SER A 13 23.66 30.17 -21.43
CA SER A 13 24.83 31.00 -21.15
C SER A 13 24.65 31.93 -19.95
N MET A 14 23.45 31.97 -19.38
CA MET A 14 23.20 32.86 -18.24
C MET A 14 22.78 32.18 -16.97
N ALA A 15 22.92 30.86 -16.91
CA ALA A 15 22.51 30.15 -15.73
C ALA A 15 23.27 30.55 -14.46
N ASP A 16 24.50 31.02 -14.60
CA ASP A 16 25.29 31.39 -13.41
C ASP A 16 25.01 32.80 -12.90
N TYR A 17 25.06 32.95 -11.58
CA TYR A 17 24.83 34.24 -10.93
C TYR A 17 25.77 35.25 -11.56
N GLU A 18 27.05 34.96 -11.45
CA GLU A 18 28.09 35.81 -11.99
C GLU A 18 27.77 36.27 -13.40
N ALA A 19 27.48 35.31 -14.27
CA ALA A 19 27.16 35.60 -15.65
C ALA A 19 26.14 36.72 -15.77
N ARG A 20 25.15 36.71 -14.88
CA ARG A 20 24.08 37.69 -14.94
C ARG A 20 24.43 39.05 -14.34
N ILE A 21 25.10 39.06 -13.20
CA ILE A 21 25.45 40.35 -12.58
C ILE A 21 26.29 41.18 -13.53
N PHE A 22 27.12 40.51 -14.32
CA PHE A 22 27.98 41.22 -15.25
C PHE A 22 27.24 41.95 -16.35
N THR A 23 25.92 41.75 -16.40
CA THR A 23 25.12 42.41 -17.41
C THR A 23 24.64 43.73 -16.81
N PHE A 24 24.59 43.76 -15.48
CA PHE A 24 24.15 44.95 -14.77
C PHE A 24 25.35 45.84 -14.46
N GLY A 25 26.24 45.98 -15.41
CA GLY A 25 27.41 46.81 -15.16
C GLY A 25 26.92 48.22 -14.85
N THR A 26 26.38 48.86 -15.89
CA THR A 26 25.88 50.21 -15.76
C THR A 26 24.40 50.14 -15.37
N TRP A 27 24.14 49.97 -14.09
CA TRP A 27 22.76 49.90 -13.66
C TRP A 27 22.34 51.23 -13.08
N ILE A 28 21.83 52.10 -13.94
CA ILE A 28 21.37 53.42 -13.50
C ILE A 28 19.98 53.31 -12.89
N TYR A 29 19.58 52.10 -12.53
CA TYR A 29 18.24 51.94 -12.00
C TYR A 29 18.00 51.70 -10.53
N SER A 30 16.78 52.07 -10.14
CA SER A 30 16.29 51.93 -8.79
C SER A 30 16.48 50.50 -8.29
N VAL A 31 15.68 49.59 -8.83
CA VAL A 31 15.73 48.18 -8.48
C VAL A 31 17.16 47.63 -8.41
N ASN A 32 17.48 47.04 -7.27
CA ASN A 32 18.80 46.48 -7.01
C ASN A 32 19.25 45.32 -7.91
N LYS A 33 20.41 45.48 -8.54
CA LYS A 33 20.92 44.46 -9.44
C LYS A 33 21.31 43.15 -8.80
N GLU A 34 22.01 43.17 -7.67
CA GLU A 34 22.40 41.90 -7.06
C GLU A 34 21.11 41.09 -6.87
N GLN A 35 20.04 41.81 -6.58
CA GLN A 35 18.74 41.17 -6.36
C GLN A 35 18.15 40.62 -7.64
N LEU A 36 18.20 41.43 -8.69
CA LEU A 36 17.67 41.01 -9.98
C LEU A 36 18.39 39.75 -10.43
N ALA A 37 19.71 39.80 -10.29
CA ALA A 37 20.55 38.70 -10.65
C ALA A 37 20.16 37.44 -9.91
N ARG A 38 20.04 37.53 -8.58
CA ARG A 38 19.65 36.36 -7.79
C ARG A 38 18.34 35.73 -8.26
N ALA A 39 17.35 36.57 -8.58
CA ALA A 39 16.06 36.08 -9.05
C ALA A 39 16.17 35.39 -10.40
N GLY A 40 17.36 35.44 -10.99
CA GLY A 40 17.54 34.81 -12.27
C GLY A 40 17.52 35.75 -13.46
N PHE A 41 17.33 37.03 -13.21
CA PHE A 41 17.27 37.99 -14.31
C PHE A 41 18.62 38.51 -14.77
N TYR A 42 18.69 38.92 -16.03
CA TYR A 42 19.91 39.49 -16.57
C TYR A 42 19.47 40.65 -17.44
N ALA A 43 20.32 41.67 -17.57
CA ALA A 43 19.97 42.86 -18.35
C ALA A 43 20.11 42.64 -19.85
N LEU A 44 19.27 43.32 -20.63
CA LEU A 44 19.31 43.22 -22.08
C LEU A 44 19.99 44.44 -22.71
N GLY A 45 20.49 45.31 -21.85
CA GLY A 45 21.13 46.52 -22.35
C GLY A 45 20.12 47.37 -23.07
N GLU A 46 18.89 47.41 -22.58
CA GLU A 46 17.85 48.22 -23.22
C GLU A 46 16.95 48.92 -22.21
N GLY A 47 17.55 49.74 -21.36
CA GLY A 47 16.75 50.40 -20.34
C GLY A 47 16.77 49.41 -19.19
N ASP A 48 15.72 49.39 -18.38
CA ASP A 48 15.70 48.45 -17.25
C ASP A 48 15.14 47.12 -17.67
N LYS A 49 15.18 46.82 -18.97
CA LYS A 49 14.70 45.52 -19.44
C LYS A 49 15.59 44.39 -18.93
N VAL A 50 14.94 43.36 -18.39
CA VAL A 50 15.63 42.19 -17.88
C VAL A 50 14.84 40.98 -18.36
N LYS A 51 15.47 39.82 -18.28
CA LYS A 51 14.85 38.60 -18.76
C LYS A 51 15.36 37.46 -17.88
N CYS A 52 14.49 36.47 -17.64
CA CYS A 52 14.91 35.33 -16.82
C CYS A 52 15.71 34.40 -17.71
N PHE A 53 16.81 33.90 -17.17
CA PHE A 53 17.67 33.00 -17.93
C PHE A 53 16.98 31.65 -18.15
N HIS A 54 15.85 31.44 -17.50
CA HIS A 54 15.19 30.17 -17.64
C HIS A 54 13.91 30.26 -18.42
N CYS A 55 12.82 30.60 -17.75
CA CYS A 55 11.55 30.69 -18.43
C CYS A 55 11.62 31.75 -19.55
N GLY A 56 12.66 32.58 -19.51
CA GLY A 56 12.82 33.62 -20.49
C GLY A 56 11.89 34.81 -20.38
N GLY A 57 11.04 34.86 -19.36
CA GLY A 57 10.13 35.99 -19.22
C GLY A 57 10.85 37.32 -19.03
N GLY A 58 10.30 38.38 -19.60
CA GLY A 58 10.92 39.69 -19.48
C GLY A 58 10.08 40.72 -18.75
N LEU A 59 10.76 41.53 -17.94
CA LEU A 59 10.14 42.58 -17.13
C LEU A 59 10.77 43.95 -17.33
N THR A 60 9.92 44.97 -17.45
CA THR A 60 10.36 46.35 -17.64
C THR A 60 9.51 47.33 -16.87
N ASP A 61 10.05 48.52 -16.67
CA ASP A 61 9.37 49.58 -15.94
C ASP A 61 9.33 49.29 -14.46
N TRP A 62 10.41 48.72 -13.96
CA TRP A 62 10.52 48.42 -12.55
C TRP A 62 10.29 49.67 -11.74
N LYS A 63 9.69 49.49 -10.57
CA LYS A 63 9.45 50.59 -9.68
C LYS A 63 10.51 50.47 -8.60
N PRO A 64 10.86 51.60 -7.98
CA PRO A 64 11.86 51.65 -6.92
C PRO A 64 11.74 50.56 -5.87
N SER A 65 10.50 50.38 -5.42
CA SER A 65 10.15 49.42 -4.38
C SER A 65 10.31 47.95 -4.71
N GLU A 66 9.63 47.54 -5.76
CA GLU A 66 9.57 46.17 -6.24
C GLU A 66 10.69 45.20 -5.94
N ASP A 67 10.27 43.98 -5.60
CA ASP A 67 11.14 42.87 -5.29
C ASP A 67 11.16 41.96 -6.53
N PRO A 68 12.38 41.65 -7.05
CA PRO A 68 12.54 40.81 -8.24
C PRO A 68 11.72 39.51 -8.16
N TRP A 69 11.91 38.80 -7.05
CA TRP A 69 11.22 37.55 -6.83
C TRP A 69 9.71 37.64 -6.91
N GLU A 70 9.15 38.74 -6.44
CA GLU A 70 7.71 38.88 -6.47
C GLU A 70 7.25 39.10 -7.90
N GLN A 71 7.90 40.02 -8.58
CA GLN A 71 7.50 40.28 -9.94
C GLN A 71 7.70 39.05 -10.78
N HIS A 72 8.74 38.31 -10.47
CA HIS A 72 9.02 37.11 -11.23
C HIS A 72 7.85 36.16 -11.12
N ALA A 73 7.47 35.87 -9.88
CA ALA A 73 6.37 34.95 -9.63
C ALA A 73 5.03 35.54 -10.00
N LYS A 74 4.92 36.86 -9.94
CA LYS A 74 3.66 37.49 -10.27
C LYS A 74 3.27 37.31 -11.71
N TRP A 75 4.26 37.30 -12.59
CA TRP A 75 3.99 37.21 -14.00
C TRP A 75 4.37 35.89 -14.61
N TYR A 76 5.40 35.26 -14.08
CA TYR A 76 5.84 34.01 -14.64
C TYR A 76 5.89 32.99 -13.53
N PRO A 77 4.70 32.63 -13.02
CA PRO A 77 4.53 31.65 -11.95
C PRO A 77 5.04 30.28 -12.34
N GLY A 78 4.94 29.98 -13.63
CA GLY A 78 5.37 28.70 -14.14
C GLY A 78 6.86 28.45 -14.34
N CYS A 79 7.73 29.39 -13.98
CA CYS A 79 9.17 29.18 -14.16
C CYS A 79 9.68 28.08 -13.23
N LYS A 80 10.45 27.14 -13.78
CA LYS A 80 10.97 26.03 -12.99
C LYS A 80 12.05 26.50 -12.04
N TYR A 81 12.88 27.41 -12.52
CA TYR A 81 13.96 27.95 -11.72
C TYR A 81 13.37 28.59 -10.46
N LEU A 82 12.27 29.30 -10.67
CA LEU A 82 11.57 29.97 -9.59
C LEU A 82 11.03 28.97 -8.56
N LEU A 83 10.50 27.86 -9.04
CA LEU A 83 9.95 26.86 -8.14
C LEU A 83 11.05 26.22 -7.30
N GLU A 84 12.22 26.05 -7.90
CA GLU A 84 13.35 25.45 -7.21
C GLU A 84 13.87 26.42 -6.17
N GLN A 85 13.91 27.69 -6.54
CA GLN A 85 14.43 28.73 -5.64
C GLN A 85 13.49 29.19 -4.53
N LYS A 86 12.22 29.44 -4.88
CA LYS A 86 11.24 29.91 -3.91
C LYS A 86 10.09 28.95 -3.48
N GLY A 87 10.05 27.75 -4.04
CA GLY A 87 9.01 26.82 -3.62
C GLY A 87 7.58 27.13 -4.06
N GLN A 88 6.63 26.25 -3.74
CA GLN A 88 5.24 26.43 -4.16
C GLN A 88 4.44 27.46 -3.40
N GLU A 89 4.48 27.39 -2.08
CA GLU A 89 3.70 28.31 -1.26
C GLU A 89 3.97 29.74 -1.67
N TYR A 90 5.25 30.04 -1.89
CA TYR A 90 5.63 31.38 -2.29
C TYR A 90 4.87 31.81 -3.53
N ILE A 91 5.05 31.04 -4.60
CA ILE A 91 4.41 31.36 -5.87
C ILE A 91 2.90 31.47 -5.73
N ASN A 92 2.31 30.41 -5.19
CA ASN A 92 0.87 30.38 -5.02
C ASN A 92 0.40 31.44 -4.07
N ASN A 93 1.28 31.88 -3.20
CA ASN A 93 0.89 32.90 -2.25
C ASN A 93 0.86 34.24 -2.94
N ILE A 94 1.90 34.52 -3.72
CA ILE A 94 2.00 35.78 -4.45
C ILE A 94 0.71 35.87 -5.24
N HIS A 95 0.31 34.72 -5.76
CA HIS A 95 -0.89 34.70 -6.55
C HIS A 95 -2.22 34.70 -5.85
N LEU A 96 -2.25 34.20 -4.62
CA LEU A 96 -3.51 34.17 -3.91
C LEU A 96 -3.80 35.59 -3.46
N THR A 97 -2.73 36.28 -3.10
CA THR A 97 -2.89 37.64 -2.65
C THR A 97 -3.53 38.49 -3.72
N HIS A 98 -3.08 38.34 -4.96
CA HIS A 98 -3.66 39.16 -6.01
C HIS A 98 -5.13 38.84 -6.23
N SER A 99 -5.42 37.55 -6.41
CA SER A 99 -6.79 37.10 -6.65
C SER A 99 -7.69 37.68 -5.58
N LEU A 100 -7.15 37.78 -4.38
CA LEU A 100 -7.93 38.29 -3.27
C LEU A 100 -8.23 39.77 -3.49
N GLU A 101 -7.22 40.50 -3.91
CA GLU A 101 -7.38 41.93 -4.15
C GLU A 101 -8.40 42.17 -5.24
N GLU A 102 -8.32 41.40 -6.34
CA GLU A 102 -9.29 41.54 -7.42
C GLU A 102 -10.68 41.37 -6.82
N CYS A 103 -10.83 40.38 -5.94
CA CYS A 103 -12.11 40.08 -5.31
C CYS A 103 -12.63 41.14 -4.32
N LEU A 104 -11.71 41.79 -3.61
CA LEU A 104 -12.10 42.83 -2.67
C LEU A 104 -12.41 44.11 -3.42
N VAL A 105 -11.89 44.21 -4.63
CA VAL A 105 -12.11 45.37 -5.49
C VAL A 105 -13.46 45.23 -6.20
N ARG A 106 -13.83 43.98 -6.50
CA ARG A 106 -15.09 43.67 -7.18
C ARG A 106 -16.33 44.04 -6.38
N THR A 107 -16.15 44.38 -5.10
CA THR A 107 -17.28 44.81 -4.26
C THR A 107 -17.66 46.25 -4.70
N THR A 108 -16.82 46.82 -5.58
CA THR A 108 -16.98 48.16 -6.16
C THR A 108 -17.54 48.01 -7.59
N GLU A 109 -17.82 46.75 -7.97
CA GLU A 109 -18.35 46.39 -9.29
C GLU A 109 -17.34 46.59 -10.42
N ASN B 1 -15.07 -25.49 -21.46
CA ASN B 1 -15.20 -24.05 -21.12
C ASN B 1 -16.21 -23.76 -20.04
N PHE B 2 -15.70 -23.04 -19.05
CA PHE B 2 -16.35 -22.55 -17.83
C PHE B 2 -17.61 -21.69 -18.14
N PRO B 3 -18.70 -21.82 -17.34
CA PRO B 3 -20.03 -21.18 -17.37
C PRO B 3 -20.58 -19.74 -17.39
N ASN B 4 -21.90 -19.81 -17.13
CA ASN B 4 -22.97 -18.79 -17.01
C ASN B 4 -22.72 -17.76 -15.94
N SER B 5 -21.74 -18.01 -15.10
CA SER B 5 -21.56 -17.07 -14.05
C SER B 5 -20.21 -17.16 -13.41
N THR B 6 -19.59 -18.33 -13.49
CA THR B 6 -18.28 -18.50 -12.91
C THR B 6 -17.42 -17.51 -13.67
N ASN B 7 -17.24 -17.83 -14.93
CA ASN B 7 -16.48 -17.01 -15.84
C ASN B 7 -16.56 -15.50 -15.56
N LEU B 8 -17.65 -15.07 -14.93
CA LEU B 8 -17.94 -13.66 -14.71
C LEU B 8 -18.15 -13.15 -13.30
N PRO B 9 -17.32 -12.19 -12.88
CA PRO B 9 -17.29 -11.52 -11.58
C PRO B 9 -18.64 -10.91 -11.29
N ARG B 10 -19.04 -10.91 -10.02
CA ARG B 10 -20.32 -10.31 -9.63
C ARG B 10 -20.18 -8.81 -9.46
N ASN B 11 -18.93 -8.33 -9.48
CA ASN B 11 -18.64 -6.91 -9.31
C ASN B 11 -17.35 -6.61 -10.02
N PRO B 12 -17.39 -6.60 -11.35
CA PRO B 12 -16.21 -6.32 -12.15
C PRO B 12 -15.43 -5.09 -11.68
N SER B 13 -16.14 -4.06 -11.23
CA SER B 13 -15.45 -2.85 -10.78
C SER B 13 -14.53 -3.11 -9.60
N MET B 14 -14.42 -4.36 -9.17
CA MET B 14 -13.58 -4.66 -8.02
C MET B 14 -12.58 -5.74 -8.30
N ALA B 15 -12.43 -6.13 -9.56
CA ALA B 15 -11.50 -7.19 -9.89
C ALA B 15 -10.06 -6.95 -9.49
N ASP B 16 -9.67 -5.68 -9.38
CA ASP B 16 -8.28 -5.34 -9.02
C ASP B 16 -7.99 -5.27 -7.55
N TYR B 17 -6.76 -5.63 -7.21
CA TYR B 17 -6.28 -5.58 -5.82
C TYR B 17 -6.47 -4.14 -5.35
N GLU B 18 -5.86 -3.24 -6.10
CA GLU B 18 -5.90 -1.83 -5.79
C GLU B 18 -7.31 -1.36 -5.48
N ALA B 19 -8.22 -1.56 -6.42
CA ALA B 19 -9.61 -1.14 -6.22
C ALA B 19 -10.21 -1.65 -4.90
N ARG B 20 -9.76 -2.82 -4.44
CA ARG B 20 -10.31 -3.37 -3.22
C ARG B 20 -9.67 -2.81 -1.95
N ILE B 21 -8.35 -2.72 -1.90
CA ILE B 21 -7.69 -2.19 -0.69
C ILE B 21 -8.16 -0.79 -0.42
N PHE B 22 -8.43 -0.05 -1.48
CA PHE B 22 -8.89 1.30 -1.31
C PHE B 22 -10.22 1.38 -0.58
N THR B 23 -10.96 0.28 -0.56
CA THR B 23 -12.24 0.27 0.15
C THR B 23 -11.97 0.17 1.65
N PHE B 24 -10.76 -0.23 2.00
CA PHE B 24 -10.40 -0.38 3.40
C PHE B 24 -9.72 0.86 3.95
N GLY B 25 -10.10 2.03 3.46
CA GLY B 25 -9.46 3.22 3.97
C GLY B 25 -9.42 3.17 5.49
N THR B 26 -10.60 3.21 6.10
CA THR B 26 -10.73 3.20 7.55
C THR B 26 -11.00 1.79 8.08
N TRP B 27 -9.95 0.99 8.18
CA TRP B 27 -10.15 -0.35 8.70
C TRP B 27 -9.84 -0.43 10.17
N ILE B 28 -10.84 -0.15 11.00
CA ILE B 28 -10.68 -0.20 12.45
C ILE B 28 -10.74 -1.64 12.95
N TYR B 29 -10.69 -2.59 12.03
CA TYR B 29 -10.83 -3.99 12.42
C TYR B 29 -9.62 -4.90 12.65
N SER B 30 -9.92 -5.92 13.44
CA SER B 30 -8.98 -6.97 13.85
C SER B 30 -8.27 -7.62 12.66
N VAL B 31 -9.04 -8.17 11.73
CA VAL B 31 -8.46 -8.82 10.57
C VAL B 31 -7.71 -7.87 9.65
N ASN B 32 -6.61 -8.35 9.07
CA ASN B 32 -5.78 -7.56 8.17
C ASN B 32 -6.45 -7.22 6.84
N LYS B 33 -6.25 -5.98 6.37
CA LYS B 33 -6.86 -5.56 5.12
C LYS B 33 -6.09 -5.93 3.86
N GLU B 34 -4.77 -5.88 3.92
CA GLU B 34 -4.00 -6.24 2.73
C GLU B 34 -4.35 -7.68 2.39
N GLN B 35 -4.66 -8.45 3.44
CA GLN B 35 -5.00 -9.84 3.26
C GLN B 35 -6.37 -9.96 2.64
N LEU B 36 -7.37 -9.43 3.32
CA LEU B 36 -8.74 -9.49 2.81
C LEU B 36 -8.74 -9.15 1.34
N ALA B 37 -8.13 -8.01 1.04
CA ALA B 37 -8.02 -7.54 -0.33
C ALA B 37 -7.47 -8.63 -1.23
N ARG B 38 -6.35 -9.26 -0.84
CA ARG B 38 -5.75 -10.31 -1.65
C ARG B 38 -6.70 -11.48 -1.92
N ALA B 39 -7.45 -11.90 -0.91
CA ALA B 39 -8.39 -13.01 -1.04
C ALA B 39 -9.58 -12.63 -1.91
N GLY B 40 -9.57 -11.41 -2.41
CA GLY B 40 -10.64 -10.96 -3.28
C GLY B 40 -11.77 -10.21 -2.60
N PHE B 41 -11.58 -9.87 -1.34
CA PHE B 41 -12.63 -9.16 -0.63
C PHE B 41 -12.48 -7.64 -0.70
N TYR B 42 -13.61 -6.95 -0.64
CA TYR B 42 -13.65 -5.49 -0.63
C TYR B 42 -14.68 -5.12 0.44
N ALA B 43 -14.54 -3.94 1.04
CA ALA B 43 -15.45 -3.52 2.12
C ALA B 43 -16.73 -2.84 1.63
N LEU B 44 -17.80 -3.01 2.40
CA LEU B 44 -19.12 -2.42 2.11
C LEU B 44 -19.44 -1.21 2.98
N GLY B 45 -18.41 -0.69 3.66
CA GLY B 45 -18.60 0.46 4.53
C GLY B 45 -19.64 0.18 5.58
N GLU B 46 -19.78 -1.08 5.98
CA GLU B 46 -20.77 -1.44 6.99
C GLU B 46 -20.18 -2.32 8.06
N GLY B 47 -19.32 -1.76 8.88
CA GLY B 47 -18.72 -2.56 9.92
C GLY B 47 -17.64 -3.36 9.23
N ASP B 48 -17.47 -4.60 9.63
CA ASP B 48 -16.43 -5.42 9.02
C ASP B 48 -16.97 -6.26 7.89
N LYS B 49 -18.09 -5.83 7.29
CA LYS B 49 -18.66 -6.58 6.16
C LYS B 49 -17.84 -6.43 4.89
N VAL B 50 -17.46 -7.56 4.31
CA VAL B 50 -16.69 -7.57 3.08
C VAL B 50 -17.42 -8.54 2.18
N LYS B 51 -17.07 -8.54 0.91
CA LYS B 51 -17.73 -9.39 -0.06
C LYS B 51 -16.69 -9.74 -1.14
N CYS B 52 -16.83 -10.93 -1.74
CA CYS B 52 -15.89 -11.33 -2.77
C CYS B 52 -16.29 -10.67 -4.08
N PHE B 53 -15.32 -10.07 -4.77
CA PHE B 53 -15.58 -9.39 -6.04
C PHE B 53 -15.98 -10.38 -7.13
N HIS B 54 -15.91 -11.66 -6.83
CA HIS B 54 -16.25 -12.65 -7.83
C HIS B 54 -17.47 -13.48 -7.48
N CYS B 55 -17.29 -14.48 -6.63
CA CYS B 55 -18.44 -15.27 -6.26
C CYS B 55 -19.51 -14.38 -5.59
N GLY B 56 -19.07 -13.27 -5.01
CA GLY B 56 -20.00 -12.37 -4.34
C GLY B 56 -20.41 -12.78 -2.93
N GLY B 57 -19.69 -13.73 -2.33
CA GLY B 57 -20.02 -14.16 -0.98
C GLY B 57 -19.59 -13.14 0.04
N GLY B 58 -20.42 -12.96 1.07
CA GLY B 58 -20.10 -11.99 2.10
C GLY B 58 -19.76 -12.60 3.45
N LEU B 59 -18.81 -11.97 4.14
CA LEU B 59 -18.35 -12.41 5.46
C LEU B 59 -18.38 -11.27 6.50
N THR B 60 -18.87 -11.56 7.70
CA THR B 60 -18.94 -10.58 8.80
C THR B 60 -18.59 -11.21 10.12
N ASP B 61 -18.24 -10.35 11.08
CA ASP B 61 -17.89 -10.79 12.42
C ASP B 61 -16.55 -11.50 12.48
N TRP B 62 -15.61 -11.04 11.68
CA TRP B 62 -14.29 -11.60 11.67
C TRP B 62 -13.69 -11.61 13.06
N LYS B 63 -12.92 -12.65 13.35
CA LYS B 63 -12.25 -12.76 14.61
C LYS B 63 -10.84 -12.33 14.29
N PRO B 64 -10.10 -11.89 15.30
CA PRO B 64 -8.73 -11.44 15.08
C PRO B 64 -7.83 -12.48 14.43
N SER B 65 -8.05 -13.73 14.83
CA SER B 65 -7.25 -14.86 14.39
C SER B 65 -7.54 -15.47 13.02
N GLU B 66 -8.54 -14.95 12.32
CA GLU B 66 -8.92 -15.56 11.05
C GLU B 66 -8.17 -15.10 9.83
N ASP B 67 -7.99 -16.05 8.92
CA ASP B 67 -7.31 -15.82 7.66
C ASP B 67 -8.39 -15.73 6.59
N PRO B 68 -8.37 -14.65 5.79
CA PRO B 68 -9.36 -14.45 4.72
C PRO B 68 -9.55 -15.67 3.78
N TRP B 69 -8.44 -16.19 3.27
CA TRP B 69 -8.49 -17.32 2.35
C TRP B 69 -9.20 -18.50 2.97
N GLU B 70 -8.91 -18.77 4.23
CA GLU B 70 -9.53 -19.87 4.90
C GLU B 70 -11.03 -19.65 4.95
N GLN B 71 -11.42 -18.53 5.53
CA GLN B 71 -12.84 -18.24 5.63
C GLN B 71 -13.49 -18.25 4.26
N HIS B 72 -12.77 -17.75 3.28
CA HIS B 72 -13.31 -17.69 1.93
C HIS B 72 -13.61 -19.07 1.41
N ALA B 73 -12.66 -19.97 1.59
CA ALA B 73 -12.84 -21.33 1.12
C ALA B 73 -13.78 -22.13 2.00
N LYS B 74 -13.85 -21.76 3.27
CA LYS B 74 -14.71 -22.47 4.19
C LYS B 74 -16.19 -22.29 3.93
N TRP B 75 -16.54 -21.12 3.41
CA TRP B 75 -17.95 -20.86 3.19
C TRP B 75 -18.30 -20.82 1.76
N TYR B 76 -17.35 -20.38 0.95
CA TYR B 76 -17.62 -20.30 -0.46
C TYR B 76 -16.56 -21.02 -1.25
N PRO B 77 -16.57 -22.36 -1.16
CA PRO B 77 -15.63 -23.25 -1.84
C PRO B 77 -15.71 -23.15 -3.37
N GLY B 78 -16.92 -22.84 -3.85
CA GLY B 78 -17.16 -22.73 -5.27
C GLY B 78 -16.66 -21.52 -6.02
N CYS B 79 -16.11 -20.52 -5.34
CA CYS B 79 -15.61 -19.36 -6.08
C CYS B 79 -14.51 -19.74 -7.08
N LYS B 80 -14.62 -19.26 -8.31
CA LYS B 80 -13.62 -19.59 -9.32
C LYS B 80 -12.34 -18.85 -9.00
N TYR B 81 -12.47 -17.61 -8.56
CA TYR B 81 -11.31 -16.82 -8.23
C TYR B 81 -10.46 -17.55 -7.19
N LEU B 82 -11.15 -18.18 -6.27
CA LEU B 82 -10.49 -18.90 -5.20
C LEU B 82 -9.77 -20.13 -5.73
N LEU B 83 -10.39 -20.80 -6.68
CA LEU B 83 -9.80 -21.99 -7.25
C LEU B 83 -8.53 -21.68 -8.07
N GLU B 84 -8.46 -20.48 -8.65
CA GLU B 84 -7.30 -20.14 -9.47
C GLU B 84 -6.15 -19.71 -8.61
N GLN B 85 -6.45 -18.99 -7.55
CA GLN B 85 -5.40 -18.51 -6.67
C GLN B 85 -4.84 -19.59 -5.76
N LYS B 86 -5.73 -20.28 -5.06
CA LYS B 86 -5.38 -21.33 -4.10
C LYS B 86 -5.43 -22.80 -4.54
N GLY B 87 -6.11 -23.09 -5.65
CA GLY B 87 -6.15 -24.47 -6.12
C GLY B 87 -7.15 -25.39 -5.44
N GLN B 88 -7.24 -26.64 -5.90
CA GLN B 88 -8.20 -27.60 -5.37
C GLN B 88 -7.82 -28.18 -4.04
N GLU B 89 -6.55 -28.56 -3.93
CA GLU B 89 -6.05 -29.17 -2.71
C GLU B 89 -6.39 -28.31 -1.52
N TYR B 90 -6.14 -27.02 -1.68
CA TYR B 90 -6.42 -26.09 -0.62
C TYR B 90 -7.88 -26.16 -0.20
N ILE B 91 -8.75 -25.76 -1.11
CA ILE B 91 -10.17 -25.75 -0.84
C ILE B 91 -10.68 -27.02 -0.16
N ASN B 92 -10.39 -28.15 -0.80
CA ASN B 92 -10.83 -29.44 -0.30
C ASN B 92 -10.22 -29.77 1.06
N ASN B 93 -9.05 -29.22 1.32
CA ASN B 93 -8.42 -29.48 2.59
C ASN B 93 -9.21 -28.82 3.70
N ILE B 94 -9.55 -27.55 3.48
CA ILE B 94 -10.28 -26.77 4.47
C ILE B 94 -11.54 -27.51 4.82
N HIS B 95 -12.07 -28.19 3.84
CA HIS B 95 -13.29 -28.90 4.09
C HIS B 95 -13.15 -30.21 4.78
N LEU B 96 -12.18 -31.00 4.33
CA LEU B 96 -11.98 -32.30 4.92
C LEU B 96 -11.69 -32.06 6.39
N THR B 97 -10.95 -31.00 6.64
CA THR B 97 -10.62 -30.68 8.02
C THR B 97 -11.88 -30.41 8.80
N HIS B 98 -12.86 -29.77 8.18
CA HIS B 98 -14.08 -29.49 8.92
C HIS B 98 -14.91 -30.74 9.15
N SER B 99 -15.26 -31.41 8.08
CA SER B 99 -16.07 -32.60 8.19
C SER B 99 -15.38 -33.65 9.07
N LEU B 100 -14.08 -33.53 9.23
CA LEU B 100 -13.40 -34.48 10.09
C LEU B 100 -13.72 -34.11 11.53
N GLU B 101 -13.70 -32.82 11.80
CA GLU B 101 -13.98 -32.35 13.14
C GLU B 101 -15.42 -32.66 13.48
N GLU B 102 -16.34 -32.38 12.55
CA GLU B 102 -17.75 -32.65 12.78
C GLU B 102 -17.84 -34.06 13.31
N CYS B 103 -16.98 -34.93 12.78
CA CYS B 103 -16.98 -36.33 13.18
C CYS B 103 -16.49 -36.63 14.57
N LEU B 104 -15.24 -36.27 14.85
CA LEU B 104 -14.65 -36.52 16.15
C LEU B 104 -15.55 -35.93 17.25
N VAL B 105 -16.44 -35.03 16.85
CA VAL B 105 -17.38 -34.41 17.76
C VAL B 105 -18.53 -35.38 17.95
N ARG B 106 -19.03 -35.91 16.82
CA ARG B 106 -20.15 -36.87 16.81
C ARG B 106 -19.99 -38.09 17.70
N THR B 107 -18.75 -38.44 18.03
CA THR B 107 -18.49 -39.57 18.92
C THR B 107 -19.05 -39.25 20.32
N THR B 108 -19.44 -37.98 20.50
CA THR B 108 -20.03 -37.46 21.74
C THR B 108 -21.58 -37.49 21.59
N GLU B 109 -22.03 -37.80 20.37
CA GLU B 109 -23.45 -37.88 19.99
C GLU B 109 -24.08 -36.51 19.72
N ASN C 1 13.45 36.81 23.75
CA ASN C 1 14.03 37.27 22.45
C ASN C 1 12.95 37.14 21.33
N PHE C 2 12.04 36.21 21.66
CA PHE C 2 10.89 35.69 20.94
C PHE C 2 10.48 35.12 22.34
N PRO C 3 9.43 35.67 22.96
CA PRO C 3 8.86 35.36 24.27
C PRO C 3 9.02 34.22 25.20
N ASN C 4 8.40 34.52 26.32
CA ASN C 4 8.29 33.72 27.50
C ASN C 4 7.66 32.42 27.10
N SER C 5 6.33 32.49 27.01
CA SER C 5 5.49 31.36 26.68
C SER C 5 5.71 30.80 25.30
N THR C 6 5.56 31.65 24.30
CA THR C 6 5.70 31.19 22.94
C THR C 6 6.92 30.27 22.94
N ASN C 7 8.04 30.79 23.44
CA ASN C 7 9.24 30.00 23.50
C ASN C 7 8.98 28.68 24.22
N LEU C 8 8.13 28.71 25.23
CA LEU C 8 7.90 27.51 26.02
C LEU C 8 6.55 26.82 25.82
N PRO C 9 6.55 25.52 25.50
CA PRO C 9 5.41 24.63 25.26
C PRO C 9 4.42 24.59 26.40
N ARG C 10 3.17 24.32 26.06
CA ARG C 10 2.14 24.25 27.07
C ARG C 10 2.11 22.89 27.74
N ASN C 11 2.87 21.96 27.20
CA ASN C 11 2.89 20.61 27.75
C ASN C 11 4.18 19.92 27.35
N PRO C 12 5.30 20.32 27.99
CA PRO C 12 6.59 19.72 27.67
C PRO C 12 6.62 18.19 27.68
N SER C 13 5.78 17.56 28.48
CA SER C 13 5.78 16.10 28.55
C SER C 13 5.38 15.48 27.21
N MET C 14 4.99 16.32 26.25
CA MET C 14 4.57 15.86 24.94
C MET C 14 5.37 16.49 23.82
N ALA C 15 6.60 16.90 24.12
CA ALA C 15 7.44 17.53 23.10
C ALA C 15 8.06 16.54 22.13
N ASP C 16 8.19 15.28 22.56
CA ASP C 16 8.77 14.27 21.70
C ASP C 16 7.72 13.40 21.05
N TYR C 17 7.84 13.21 19.74
CA TYR C 17 6.91 12.41 18.95
C TYR C 17 6.50 11.13 19.68
N GLU C 18 7.51 10.34 20.00
CA GLU C 18 7.32 9.07 20.67
C GLU C 18 6.32 9.23 21.77
N ALA C 19 6.46 10.31 22.51
CA ALA C 19 5.56 10.59 23.62
C ALA C 19 4.12 10.72 23.10
N ARG C 20 3.98 11.38 21.96
CA ARG C 20 2.67 11.63 21.38
C ARG C 20 1.96 10.49 20.70
N ILE C 21 2.66 9.71 19.89
CA ILE C 21 2.00 8.61 19.19
C ILE C 21 1.42 7.62 20.16
N PHE C 22 2.13 7.41 21.26
CA PHE C 22 1.68 6.48 22.26
C PHE C 22 0.24 6.79 22.66
N THR C 23 -0.01 8.07 22.92
CA THR C 23 -1.33 8.50 23.32
C THR C 23 -2.38 8.03 22.32
N PHE C 24 -1.92 7.69 21.11
CA PHE C 24 -2.84 7.22 20.07
C PHE C 24 -2.98 5.71 19.99
N GLY C 25 -2.82 5.02 21.11
CA GLY C 25 -2.96 3.59 21.10
C GLY C 25 -4.18 3.13 20.31
N THR C 26 -5.36 3.36 20.88
CA THR C 26 -6.60 2.96 20.23
C THR C 26 -7.17 4.08 19.37
N TRP C 27 -6.70 4.18 18.14
CA TRP C 27 -7.22 5.22 17.25
C TRP C 27 -8.25 4.67 16.27
N ILE C 28 -9.50 4.59 16.72
CA ILE C 28 -10.58 4.08 15.88
C ILE C 28 -11.05 5.18 14.94
N TYR C 29 -10.29 6.25 14.87
CA TYR C 29 -10.67 7.38 14.04
C TYR C 29 -10.03 7.45 12.67
N SER C 30 -10.84 7.91 11.70
CA SER C 30 -10.45 8.08 10.30
C SER C 30 -9.08 8.74 10.10
N VAL C 31 -8.89 9.92 10.70
CA VAL C 31 -7.60 10.61 10.59
C VAL C 31 -6.46 9.70 11.02
N ASN C 32 -5.32 9.87 10.38
CA ASN C 32 -4.16 9.05 10.65
C ASN C 32 -3.48 9.49 11.94
N LYS C 33 -3.07 8.52 12.75
CA LYS C 33 -2.42 8.80 14.02
C LYS C 33 -0.97 9.29 13.89
N GLU C 34 -0.20 8.69 13.00
CA GLU C 34 1.19 9.12 12.82
C GLU C 34 1.22 10.59 12.43
N GLN C 35 0.35 10.95 11.49
CA GLN C 35 0.27 12.33 11.02
C GLN C 35 -0.05 13.36 12.10
N LEU C 36 -1.08 13.08 12.89
CA LEU C 36 -1.46 13.98 13.99
C LEU C 36 -0.23 14.18 14.86
N ALA C 37 0.35 13.06 15.28
CA ALA C 37 1.55 13.02 16.11
C ALA C 37 2.66 13.90 15.54
N ARG C 38 2.84 13.81 14.22
CA ARG C 38 3.87 14.60 13.56
C ARG C 38 3.55 16.08 13.62
N ALA C 39 2.27 16.40 13.44
CA ALA C 39 1.81 17.79 13.48
C ALA C 39 1.84 18.40 14.89
N GLY C 40 2.29 17.62 15.88
CA GLY C 40 2.38 18.12 17.26
C GLY C 40 1.23 17.73 18.18
N PHE C 41 0.21 17.12 17.62
CA PHE C 41 -0.96 16.72 18.37
C PHE C 41 -0.82 15.43 19.17
N TYR C 42 -1.66 15.29 20.18
CA TYR C 42 -1.69 14.07 20.98
C TYR C 42 -3.14 13.88 21.37
N ALA C 43 -3.48 12.67 21.82
CA ALA C 43 -4.86 12.37 22.16
C ALA C 43 -5.15 12.46 23.65
N LEU C 44 -6.26 13.11 23.96
CA LEU C 44 -6.69 13.28 25.33
C LEU C 44 -7.41 12.05 25.82
N GLY C 45 -7.91 11.26 24.89
CA GLY C 45 -8.62 10.04 25.23
C GLY C 45 -10.07 10.31 25.46
N GLU C 46 -10.55 11.41 24.88
CA GLU C 46 -11.94 11.77 25.04
C GLU C 46 -12.61 11.73 23.68
N GLY C 47 -12.28 10.72 22.90
CA GLY C 47 -12.86 10.62 21.58
C GLY C 47 -11.75 10.94 20.62
N ASP C 48 -12.07 11.67 19.54
CA ASP C 48 -11.06 12.03 18.57
C ASP C 48 -10.40 13.35 18.94
N LYS C 49 -10.53 13.75 20.21
CA LYS C 49 -9.95 15.00 20.68
C LYS C 49 -8.43 14.94 20.74
N VAL C 50 -7.79 16.03 20.30
CA VAL C 50 -6.33 16.13 20.29
C VAL C 50 -5.90 17.54 20.67
N LYS C 51 -4.66 17.67 21.11
CA LYS C 51 -4.15 18.95 21.56
C LYS C 51 -2.69 19.13 21.16
N CYS C 52 -2.36 20.28 20.56
CA CYS C 52 -0.98 20.52 20.18
C CYS C 52 -0.19 20.71 21.47
N PHE C 53 0.95 20.03 21.57
CA PHE C 53 1.78 20.11 22.77
C PHE C 53 2.43 21.47 22.98
N HIS C 54 2.35 22.36 22.01
CA HIS C 54 3.03 23.63 22.19
C HIS C 54 2.16 24.85 22.37
N CYS C 55 1.22 25.04 21.47
CA CYS C 55 0.34 26.20 21.59
C CYS C 55 -0.86 25.75 22.41
N GLY C 56 -0.99 24.43 22.54
CA GLY C 56 -2.09 23.89 23.32
C GLY C 56 -3.46 23.93 22.67
N GLY C 57 -3.48 24.11 21.35
CA GLY C 57 -4.75 24.17 20.65
C GLY C 57 -5.39 22.80 20.55
N GLY C 58 -6.71 22.75 20.64
CA GLY C 58 -7.38 21.47 20.56
C GLY C 58 -8.37 21.36 19.42
N LEU C 59 -8.36 20.22 18.73
CA LEU C 59 -9.28 19.97 17.61
C LEU C 59 -10.09 18.69 17.85
N THR C 60 -11.27 18.63 17.24
CA THR C 60 -12.15 17.47 17.37
C THR C 60 -13.14 17.46 16.23
N ASP C 61 -13.81 16.32 16.05
CA ASP C 61 -14.80 16.17 15.00
C ASP C 61 -14.11 16.10 13.67
N TRP C 62 -12.92 15.52 13.66
CA TRP C 62 -12.18 15.38 12.41
C TRP C 62 -12.97 14.64 11.32
N LYS C 63 -12.81 15.13 10.09
CA LYS C 63 -13.43 14.51 8.95
C LYS C 63 -12.39 13.54 8.39
N PRO C 64 -12.83 12.48 7.71
CA PRO C 64 -11.94 11.48 7.15
C PRO C 64 -10.80 12.06 6.32
N SER C 65 -11.18 12.98 5.45
CA SER C 65 -10.29 13.65 4.51
C SER C 65 -9.29 14.71 5.01
N GLU C 66 -9.44 15.17 6.26
CA GLU C 66 -8.60 16.24 6.80
C GLU C 66 -7.12 15.98 7.06
N ASP C 67 -6.32 17.03 6.87
CA ASP C 67 -4.87 16.98 7.06
C ASP C 67 -4.53 17.69 8.37
N PRO C 68 -3.85 16.98 9.29
CA PRO C 68 -3.44 17.49 10.60
C PRO C 68 -2.80 18.87 10.50
N TRP C 69 -1.79 18.97 9.64
CA TRP C 69 -1.10 20.22 9.44
C TRP C 69 -1.95 21.38 8.97
N GLU C 70 -2.91 21.10 8.09
CA GLU C 70 -3.75 22.15 7.57
C GLU C 70 -4.70 22.72 8.61
N GLN C 71 -5.33 21.84 9.37
CA GLN C 71 -6.28 22.32 10.36
C GLN C 71 -5.57 22.93 11.54
N HIS C 72 -4.30 22.62 11.69
CA HIS C 72 -3.54 23.19 12.79
C HIS C 72 -3.33 24.65 12.45
N ALA C 73 -3.07 24.89 11.18
CA ALA C 73 -2.82 26.23 10.69
C ALA C 73 -4.14 26.97 10.46
N LYS C 74 -5.15 26.21 10.06
CA LYS C 74 -6.43 26.82 9.78
C LYS C 74 -6.97 27.40 11.05
N TRP C 75 -6.63 26.78 12.17
CA TRP C 75 -7.13 27.25 13.44
C TRP C 75 -6.14 27.88 14.38
N TYR C 76 -4.91 27.38 14.43
CA TYR C 76 -3.93 27.93 15.35
C TYR C 76 -2.66 28.44 14.68
N PRO C 77 -2.81 29.45 13.80
CA PRO C 77 -1.75 30.09 13.03
C PRO C 77 -0.56 30.51 13.91
N GLY C 78 -0.87 30.97 15.11
CA GLY C 78 0.14 31.43 16.04
C GLY C 78 1.12 30.43 16.65
N CYS C 79 0.80 29.14 16.66
CA CYS C 79 1.73 28.16 17.24
C CYS C 79 3.14 28.26 16.66
N LYS C 80 4.13 28.37 17.55
CA LYS C 80 5.53 28.48 17.14
C LYS C 80 6.05 27.17 16.57
N TYR C 81 5.60 26.07 17.16
CA TYR C 81 6.06 24.78 16.68
C TYR C 81 5.62 24.62 15.23
N LEU C 82 4.53 25.30 14.89
CA LEU C 82 4.01 25.22 13.56
C LEU C 82 4.89 26.04 12.64
N LEU C 83 5.26 27.21 13.09
CA LEU C 83 6.09 28.07 12.27
C LEU C 83 7.47 27.48 12.00
N GLU C 84 8.02 26.78 12.97
CA GLU C 84 9.34 26.21 12.77
C GLU C 84 9.19 25.09 11.77
N GLN C 85 8.17 24.27 12.00
CA GLN C 85 7.88 23.11 11.17
C GLN C 85 7.45 23.34 9.74
N LYS C 86 6.37 24.10 9.55
CA LYS C 86 5.90 24.33 8.21
C LYS C 86 6.17 25.70 7.58
N GLY C 87 6.87 26.58 8.30
CA GLY C 87 7.20 27.87 7.71
C GLY C 87 6.11 28.92 7.54
N GLN C 88 6.52 30.12 7.16
CA GLN C 88 5.60 31.23 7.01
C GLN C 88 4.61 31.13 5.86
N GLU C 89 5.13 31.01 4.66
CA GLU C 89 4.26 30.97 3.49
C GLU C 89 3.18 29.90 3.61
N TYR C 90 3.47 28.84 4.35
CA TYR C 90 2.48 27.79 4.49
C TYR C 90 1.29 28.29 5.27
N ILE C 91 1.58 28.79 6.46
CA ILE C 91 0.52 29.30 7.32
C ILE C 91 -0.34 30.33 6.58
N ASN C 92 0.29 31.42 6.13
CA ASN C 92 -0.43 32.47 5.42
C ASN C 92 -1.20 31.93 4.23
N ASN C 93 -0.67 30.89 3.61
CA ASN C 93 -1.32 30.28 2.46
C ASN C 93 -2.72 29.84 2.84
N ILE C 94 -2.78 29.01 3.87
CA ILE C 94 -4.03 28.47 4.35
C ILE C 94 -5.01 29.56 4.67
N HIS C 95 -4.52 30.62 5.29
CA HIS C 95 -5.43 31.69 5.65
C HIS C 95 -5.88 32.54 4.49
N LEU C 96 -5.01 32.76 3.52
CA LEU C 96 -5.40 33.56 2.37
C LEU C 96 -6.47 32.83 1.61
N THR C 97 -6.24 31.54 1.40
CA THR C 97 -7.22 30.75 0.66
C THR C 97 -8.58 30.85 1.30
N HIS C 98 -8.61 30.86 2.63
CA HIS C 98 -9.91 30.95 3.29
C HIS C 98 -10.45 32.34 3.02
N SER C 99 -9.61 33.35 3.25
CA SER C 99 -10.04 34.71 3.02
C SER C 99 -10.60 34.89 1.61
N LEU C 100 -10.04 34.17 0.64
CA LEU C 100 -10.50 34.32 -0.75
C LEU C 100 -11.86 33.68 -0.93
N GLU C 101 -11.99 32.49 -0.39
CA GLU C 101 -13.23 31.77 -0.44
C GLU C 101 -14.34 32.67 0.12
N GLU C 102 -14.07 33.32 1.25
CA GLU C 102 -15.06 34.21 1.87
C GLU C 102 -15.49 35.31 0.93
N CYS C 103 -14.53 36.04 0.38
CA CYS C 103 -14.81 37.14 -0.53
C CYS C 103 -15.55 36.71 -1.79
N LEU C 104 -15.27 35.50 -2.26
CA LEU C 104 -15.92 34.98 -3.44
C LEU C 104 -17.36 34.58 -3.16
N VAL C 105 -17.65 34.29 -1.90
CA VAL C 105 -18.99 33.91 -1.47
C VAL C 105 -19.78 35.16 -1.08
N ARG C 106 -19.06 36.26 -0.88
CA ARG C 106 -19.66 37.54 -0.52
C ARG C 106 -20.33 38.20 -1.73
N THR C 107 -20.03 37.69 -2.91
CA THR C 107 -20.66 38.19 -4.13
C THR C 107 -22.15 37.74 -4.05
N THR C 108 -22.38 36.70 -3.24
CA THR C 108 -23.71 36.09 -2.96
C THR C 108 -24.38 36.87 -1.79
N GLU C 109 -23.68 37.91 -1.34
CA GLU C 109 -24.08 38.79 -0.25
C GLU C 109 -23.93 38.13 1.13
N ASN D 1 18.16 -24.85 8.08
CA ASN D 1 18.42 -25.72 6.89
C ASN D 1 18.08 -27.22 7.09
N PHE D 2 17.20 -27.71 6.22
CA PHE D 2 16.72 -29.08 6.03
C PHE D 2 17.96 -29.97 6.22
N PRO D 3 17.85 -31.10 6.94
CA PRO D 3 18.95 -32.02 7.20
C PRO D 3 20.08 -32.50 6.34
N ASN D 4 20.42 -33.69 6.80
CA ASN D 4 21.45 -34.58 6.36
C ASN D 4 20.66 -35.54 5.52
N SER D 5 20.40 -36.66 6.19
CA SER D 5 19.66 -37.80 5.69
C SER D 5 18.50 -37.35 4.83
N THR D 6 17.80 -36.32 5.29
CA THR D 6 16.65 -35.79 4.60
C THR D 6 17.04 -35.28 3.22
N ASN D 7 17.80 -34.20 3.16
CA ASN D 7 18.19 -33.67 1.85
C ASN D 7 18.71 -34.79 0.93
N LEU D 8 19.66 -35.52 1.48
CA LEU D 8 20.37 -36.59 0.81
C LEU D 8 19.53 -37.84 0.52
N PRO D 9 19.47 -38.23 -0.76
CA PRO D 9 18.74 -39.40 -1.27
C PRO D 9 19.31 -40.69 -0.76
N ARG D 10 18.47 -41.70 -0.64
CA ARG D 10 18.94 -43.00 -0.17
C ARG D 10 19.55 -43.78 -1.32
N ASN D 11 19.42 -43.26 -2.53
CA ASN D 11 19.94 -43.96 -3.69
C ASN D 11 20.26 -42.99 -4.81
N PRO D 12 21.28 -42.15 -4.61
CA PRO D 12 21.66 -41.17 -5.63
C PRO D 12 21.71 -41.69 -7.07
N SER D 13 22.01 -42.98 -7.23
CA SER D 13 22.11 -43.53 -8.58
C SER D 13 20.76 -43.58 -9.29
N MET D 14 19.70 -43.18 -8.60
CA MET D 14 18.38 -43.23 -9.19
C MET D 14 17.68 -41.87 -9.19
N ALA D 15 18.45 -40.80 -9.04
CA ALA D 15 17.85 -39.47 -9.00
C ALA D 15 17.23 -38.98 -10.32
N ASP D 16 17.74 -39.50 -11.43
CA ASP D 16 17.28 -39.13 -12.78
C ASP D 16 16.16 -40.05 -13.27
N TYR D 17 15.09 -39.45 -13.79
CA TYR D 17 13.98 -40.22 -14.33
C TYR D 17 14.57 -41.35 -15.20
N GLU D 18 15.35 -40.92 -16.18
CA GLU D 18 16.00 -41.81 -17.13
C GLU D 18 16.51 -43.04 -16.43
N ALA D 19 17.25 -42.81 -15.36
CA ALA D 19 17.81 -43.89 -14.60
C ALA D 19 16.68 -44.83 -14.17
N ARG D 20 15.61 -44.24 -13.68
CA ARG D 20 14.51 -45.01 -13.17
C ARG D 20 13.64 -45.79 -14.16
N ILE D 21 13.25 -45.19 -15.29
CA ILE D 21 12.40 -45.92 -16.22
C ILE D 21 13.06 -47.17 -16.76
N PHE D 22 14.37 -47.09 -16.93
CA PHE D 22 15.09 -48.24 -17.44
C PHE D 22 14.78 -49.45 -16.58
N THR D 23 14.95 -49.30 -15.27
CA THR D 23 14.72 -50.39 -14.34
C THR D 23 13.36 -51.03 -14.62
N PHE D 24 12.51 -50.31 -15.34
CA PHE D 24 11.18 -50.80 -15.69
C PHE D 24 11.11 -51.44 -17.06
N GLY D 25 12.20 -52.08 -17.46
CA GLY D 25 12.24 -52.73 -18.75
C GLY D 25 11.02 -53.62 -18.90
N THR D 26 11.08 -54.82 -18.35
CA THR D 26 9.98 -55.76 -18.44
C THR D 26 8.93 -55.48 -17.37
N TRP D 27 7.90 -54.70 -17.72
CA TRP D 27 6.85 -54.40 -16.76
C TRP D 27 5.53 -55.09 -17.09
N ILE D 28 5.37 -56.32 -16.62
CA ILE D 28 4.15 -57.09 -16.87
C ILE D 28 3.07 -56.65 -15.89
N TYR D 29 3.35 -55.61 -15.13
CA TYR D 29 2.41 -55.11 -14.14
C TYR D 29 1.49 -53.99 -14.57
N SER D 30 0.24 -54.11 -14.11
CA SER D 30 -0.85 -53.17 -14.39
C SER D 30 -0.48 -51.69 -14.23
N VAL D 31 0.03 -51.32 -13.06
CA VAL D 31 0.44 -49.93 -12.83
C VAL D 31 1.41 -49.41 -13.90
N ASN D 32 1.01 -48.36 -14.59
CA ASN D 32 1.82 -47.75 -15.62
C ASN D 32 3.24 -47.49 -15.10
N LYS D 33 4.23 -47.91 -15.87
CA LYS D 33 5.61 -47.74 -15.44
C LYS D 33 6.15 -46.31 -15.48
N GLU D 34 5.85 -45.55 -16.52
CA GLU D 34 6.34 -44.18 -16.61
C GLU D 34 5.90 -43.38 -15.40
N GLN D 35 4.68 -43.65 -14.95
CA GLN D 35 4.15 -42.94 -13.80
C GLN D 35 4.90 -43.23 -12.51
N LEU D 36 5.19 -44.51 -12.26
CA LEU D 36 5.94 -44.88 -11.06
C LEU D 36 7.26 -44.13 -11.11
N ALA D 37 7.89 -44.17 -12.28
CA ALA D 37 9.16 -43.49 -12.51
C ALA D 37 9.10 -42.02 -12.11
N ARG D 38 8.05 -41.33 -12.56
CA ARG D 38 7.88 -39.93 -12.24
C ARG D 38 7.72 -39.69 -10.75
N ALA D 39 7.00 -40.59 -10.08
CA ALA D 39 6.77 -40.50 -8.63
C ALA D 39 8.07 -40.72 -7.82
N GLY D 40 9.16 -41.02 -8.53
CA GLY D 40 10.45 -41.24 -7.89
C GLY D 40 10.79 -42.69 -7.60
N PHE D 41 10.04 -43.59 -8.21
CA PHE D 41 10.23 -45.02 -8.00
C PHE D 41 11.10 -45.71 -9.03
N TYR D 42 11.54 -46.91 -8.69
CA TYR D 42 12.32 -47.73 -9.59
C TYR D 42 12.00 -49.16 -9.19
N ALA D 43 12.20 -50.12 -10.09
CA ALA D 43 11.90 -51.51 -9.80
C ALA D 43 13.11 -52.27 -9.30
N LEU D 44 12.87 -53.12 -8.31
CA LEU D 44 13.91 -53.91 -7.71
C LEU D 44 14.10 -55.22 -8.42
N GLY D 45 13.28 -55.46 -9.43
CA GLY D 45 13.40 -56.70 -10.17
C GLY D 45 13.00 -57.87 -9.30
N GLU D 46 12.00 -57.63 -8.46
CA GLU D 46 11.52 -58.67 -7.58
C GLU D 46 10.01 -58.66 -7.61
N GLY D 47 9.45 -58.82 -8.81
CA GLY D 47 8.01 -58.77 -8.93
C GLY D 47 7.64 -57.33 -9.18
N ASP D 48 6.55 -56.87 -8.61
CA ASP D 48 6.09 -55.49 -8.78
C ASP D 48 6.64 -54.58 -7.70
N LYS D 49 7.75 -55.00 -7.09
CA LYS D 49 8.38 -54.22 -6.04
C LYS D 49 9.10 -52.99 -6.57
N VAL D 50 8.93 -51.86 -5.88
CA VAL D 50 9.57 -50.61 -6.26
C VAL D 50 10.08 -49.92 -4.99
N LYS D 51 10.88 -48.89 -5.19
CA LYS D 51 11.48 -48.19 -4.07
C LYS D 51 11.75 -46.75 -4.47
N CYS D 52 11.28 -45.81 -3.66
CA CYS D 52 11.51 -44.39 -3.94
C CYS D 52 13.00 -44.18 -3.85
N PHE D 53 13.55 -43.40 -4.77
CA PHE D 53 14.99 -43.14 -4.80
C PHE D 53 15.43 -42.16 -3.73
N HIS D 54 14.49 -41.46 -3.11
CA HIS D 54 14.89 -40.48 -2.14
C HIS D 54 14.63 -40.82 -0.70
N CYS D 55 13.43 -41.29 -0.40
CA CYS D 55 13.11 -41.66 0.98
C CYS D 55 13.39 -43.16 1.14
N GLY D 56 13.52 -43.85 0.01
CA GLY D 56 13.79 -45.28 0.03
C GLY D 56 12.60 -46.18 0.37
N GLY D 57 11.41 -45.61 0.42
CA GLY D 57 10.25 -46.41 0.73
C GLY D 57 9.93 -47.38 -0.40
N GLY D 58 9.49 -48.58 -0.06
CA GLY D 58 9.16 -49.53 -1.10
C GLY D 58 7.71 -49.97 -1.05
N LEU D 59 7.11 -50.14 -2.23
CA LEU D 59 5.71 -50.58 -2.32
C LEU D 59 5.61 -51.87 -3.14
N THR D 60 4.55 -52.65 -2.90
CA THR D 60 4.29 -53.91 -3.61
C THR D 60 2.81 -54.23 -3.62
N ASP D 61 2.45 -55.25 -4.39
CA ASP D 61 1.07 -55.66 -4.47
C ASP D 61 0.20 -54.58 -5.03
N TRP D 62 0.73 -53.85 -6.00
CA TRP D 62 -0.04 -52.79 -6.64
C TRP D 62 -1.34 -53.30 -7.24
N LYS D 63 -2.39 -52.49 -7.12
CA LYS D 63 -3.66 -52.85 -7.71
C LYS D 63 -3.66 -52.19 -9.08
N PRO D 64 -4.23 -52.86 -10.08
CA PRO D 64 -4.27 -52.31 -11.44
C PRO D 64 -4.59 -50.81 -11.38
N SER D 65 -5.68 -50.54 -10.68
CA SER D 65 -6.22 -49.21 -10.46
C SER D 65 -5.32 -48.06 -9.92
N GLU D 66 -4.57 -48.37 -8.88
CA GLU D 66 -3.71 -47.43 -8.15
C GLU D 66 -2.85 -46.37 -8.83
N ASP D 67 -2.67 -45.26 -8.10
CA ASP D 67 -1.87 -44.12 -8.52
C ASP D 67 -0.60 -44.02 -7.66
N PRO D 68 0.59 -44.03 -8.30
CA PRO D 68 1.89 -43.95 -7.62
C PRO D 68 1.95 -42.82 -6.64
N TRP D 69 1.75 -41.61 -7.14
CA TRP D 69 1.79 -40.42 -6.31
C TRP D 69 0.96 -40.48 -5.04
N GLU D 70 -0.24 -41.05 -5.15
CA GLU D 70 -1.11 -41.13 -4.00
C GLU D 70 -0.54 -42.15 -3.02
N GLN D 71 -0.30 -43.36 -3.53
CA GLN D 71 0.22 -44.42 -2.69
C GLN D 71 1.56 -44.04 -2.07
N HIS D 72 2.31 -43.16 -2.73
CA HIS D 72 3.59 -42.73 -2.19
C HIS D 72 3.32 -41.92 -0.92
N ALA D 73 2.38 -41.01 -1.04
CA ALA D 73 2.00 -40.16 0.08
C ALA D 73 1.20 -40.87 1.17
N LYS D 74 0.40 -41.86 0.75
CA LYS D 74 -0.41 -42.58 1.69
C LYS D 74 0.47 -43.30 2.67
N TRP D 75 1.65 -43.70 2.21
CA TRP D 75 2.57 -44.44 3.06
C TRP D 75 3.82 -43.72 3.49
N TYR D 76 4.40 -42.93 2.60
CA TYR D 76 5.62 -42.22 2.98
C TYR D 76 5.44 -40.74 2.81
N PRO D 77 4.61 -40.13 3.68
CA PRO D 77 4.30 -38.70 3.70
C PRO D 77 5.56 -37.84 3.93
N GLY D 78 6.46 -38.32 4.79
CA GLY D 78 7.67 -37.57 5.08
C GLY D 78 8.73 -37.43 4.00
N CYS D 79 8.55 -38.01 2.82
CA CYS D 79 9.58 -37.87 1.80
C CYS D 79 9.71 -36.43 1.31
N LYS D 80 10.94 -35.97 1.15
CA LYS D 80 11.22 -34.61 0.69
C LYS D 80 10.97 -34.45 -0.78
N TYR D 81 11.29 -35.47 -1.54
CA TYR D 81 11.09 -35.40 -2.97
C TYR D 81 9.58 -35.31 -3.21
N LEU D 82 8.82 -35.94 -2.34
CA LEU D 82 7.38 -35.93 -2.48
C LEU D 82 6.93 -34.51 -2.24
N LEU D 83 7.47 -33.91 -1.18
CA LEU D 83 7.08 -32.55 -0.84
C LEU D 83 7.48 -31.52 -1.88
N GLU D 84 8.59 -31.74 -2.57
CA GLU D 84 9.00 -30.77 -3.57
C GLU D 84 8.08 -30.89 -4.76
N GLN D 85 7.97 -32.10 -5.28
CA GLN D 85 7.13 -32.36 -6.44
C GLN D 85 5.63 -32.15 -6.29
N LYS D 86 5.02 -32.66 -5.21
CA LYS D 86 3.56 -32.52 -5.05
C LYS D 86 3.02 -31.53 -3.98
N GLY D 87 3.90 -30.89 -3.22
CA GLY D 87 3.45 -29.91 -2.24
C GLY D 87 2.72 -30.37 -1.00
N GLN D 88 2.64 -29.46 -0.01
CA GLN D 88 2.02 -29.72 1.29
C GLN D 88 0.55 -30.11 1.28
N GLU D 89 -0.26 -29.33 0.60
CA GLU D 89 -1.68 -29.60 0.54
C GLU D 89 -1.99 -31.01 0.03
N TYR D 90 -1.23 -31.45 -0.95
CA TYR D 90 -1.42 -32.76 -1.55
C TYR D 90 -1.27 -33.84 -0.52
N ILE D 91 -0.12 -33.83 0.12
CA ILE D 91 0.18 -34.83 1.13
C ILE D 91 -0.89 -34.88 2.21
N ASN D 92 -1.12 -33.72 2.83
CA ASN D 92 -2.11 -33.66 3.90
C ASN D 92 -3.48 -34.14 3.44
N ASN D 93 -3.81 -33.87 2.19
CA ASN D 93 -5.08 -34.31 1.67
C ASN D 93 -5.22 -35.81 1.78
N ILE D 94 -4.26 -36.51 1.20
CA ILE D 94 -4.29 -37.96 1.19
C ILE D 94 -4.53 -38.43 2.60
N HIS D 95 -3.88 -37.80 3.56
CA HIS D 95 -4.04 -38.27 4.92
C HIS D 95 -5.35 -37.97 5.60
N LEU D 96 -5.86 -36.74 5.45
CA LEU D 96 -7.13 -36.42 6.09
C LEU D 96 -8.22 -37.31 5.53
N THR D 97 -8.21 -37.48 4.21
CA THR D 97 -9.22 -38.30 3.57
C THR D 97 -9.26 -39.67 4.22
N HIS D 98 -8.09 -40.13 4.63
CA HIS D 98 -8.02 -41.45 5.23
C HIS D 98 -8.53 -41.36 6.62
N SER D 99 -7.98 -40.45 7.39
CA SER D 99 -8.40 -40.30 8.77
C SER D 99 -9.89 -40.02 8.88
N LEU D 100 -10.45 -39.45 7.82
CA LEU D 100 -11.89 -39.14 7.85
C LEU D 100 -12.61 -40.44 7.64
N GLU D 101 -12.12 -41.18 6.66
CA GLU D 101 -12.69 -42.47 6.35
C GLU D 101 -12.72 -43.30 7.63
N GLU D 102 -11.61 -43.32 8.38
CA GLU D 102 -11.51 -44.09 9.64
C GLU D 102 -12.62 -43.73 10.60
N CYS D 103 -12.80 -42.43 10.83
CA CYS D 103 -13.83 -41.91 11.73
C CYS D 103 -15.26 -42.37 11.39
N LEU D 104 -15.59 -42.29 10.10
CA LEU D 104 -16.90 -42.63 9.58
C LEU D 104 -17.22 -44.11 9.73
N VAL D 105 -16.17 -44.92 9.77
CA VAL D 105 -16.30 -46.37 9.92
C VAL D 105 -16.38 -46.72 11.40
N ARG D 106 -15.95 -45.78 12.23
CA ARG D 106 -15.97 -45.93 13.68
C ARG D 106 -17.39 -45.73 14.22
N THR D 107 -18.26 -45.17 13.39
CA THR D 107 -19.66 -44.97 13.79
C THR D 107 -20.30 -46.38 13.84
N THR D 108 -19.66 -47.32 13.12
CA THR D 108 -20.05 -48.75 13.05
C THR D 108 -19.37 -49.47 14.25
N GLU D 109 -18.56 -48.69 14.98
CA GLU D 109 -17.80 -49.11 16.14
C GLU D 109 -16.54 -49.90 15.75
N ALA E 1 5.72 45.61 -11.93
CA ALA E 1 6.50 45.94 -13.16
C ALA E 1 5.72 45.46 -14.37
N VAL E 2 6.39 45.40 -15.53
CA VAL E 2 5.67 44.98 -16.71
C VAL E 2 6.34 43.95 -17.60
N PRO E 3 5.51 43.10 -18.21
CA PRO E 3 5.97 42.03 -19.12
C PRO E 3 6.32 42.57 -20.51
N PHE E 4 7.17 41.81 -21.23
CA PHE E 4 7.56 42.18 -22.61
C PHE E 4 8.18 40.93 -23.24
N ALA F 1 -15.58 -16.68 10.72
CA ALA F 1 -16.54 -15.56 10.55
C ALA F 1 -17.92 -16.09 10.21
N VAL F 2 -18.78 -15.20 9.74
CA VAL F 2 -20.14 -15.60 9.40
C VAL F 2 -20.53 -15.03 8.06
N PRO F 3 -21.37 -15.76 7.32
CA PRO F 3 -21.81 -15.29 6.01
C PRO F 3 -23.06 -14.40 6.12
N PHE F 4 -23.28 -13.56 5.10
CA PHE F 4 -24.46 -12.71 5.08
C PHE F 4 -24.95 -12.58 3.64
N ALA G 1 -12.11 20.11 10.84
CA ALA G 1 -12.22 19.90 12.31
C ALA G 1 -12.73 21.14 13.03
N VAL G 2 -12.99 20.98 14.31
CA VAL G 2 -13.49 22.06 15.11
C VAL G 2 -12.61 22.23 16.32
N PRO G 3 -12.43 23.47 16.78
CA PRO G 3 -11.57 23.62 17.96
C PRO G 3 -12.44 23.43 19.20
N PHE G 4 -11.80 23.24 20.35
CA PHE G 4 -12.50 23.09 21.63
C PHE G 4 -11.61 23.67 22.73
N ALA H 1 -1.51 -50.99 -2.81
CA ALA H 1 -0.06 -51.23 -2.58
C ALA H 1 0.27 -51.36 -1.10
N VAL H 2 1.27 -52.18 -0.81
CA VAL H 2 1.71 -52.44 0.54
C VAL H 2 3.19 -52.11 0.66
N PRO H 3 3.65 -51.76 1.87
CA PRO H 3 5.07 -51.43 2.05
C PRO H 3 5.98 -52.61 2.43
N PHE H 4 7.29 -52.31 2.45
CA PHE H 4 8.36 -53.25 2.82
C PHE H 4 9.69 -52.49 2.91
ZN ZN I . 11.88 32.49 -14.83
ZN ZN J . -15.12 -15.71 -4.06
ZN ZN K . 0.29 24.42 18.01
ZN ZN L . 9.97 -40.75 -1.30
#